data_4JQC
#
_entry.id   4JQC
#
_cell.length_a   79.770
_cell.length_b   79.770
_cell.length_c   324.528
_cell.angle_alpha   90.00
_cell.angle_beta   90.00
_cell.angle_gamma   120.00
#
_symmetry.space_group_name_H-M   'P 61 2 2'
#
loop_
_entity.id
_entity.type
_entity.pdbx_description
1 polymer 'Enoyl-[acyl-carrier-protein] reductase [NADH] FabI'
2 non-polymer NICOTINAMIDE-ADENINE-DINUCLEOTIDE
3 non-polymer N-methyl-N-[(3-methyl-1-benzofuran-2-yl)methyl]-3-(7-oxo-5,6,7,8-tetrahydro-1,8-naphthyridin-3-yl)propanamide
4 water water
#
_entity_poly.entity_id   1
_entity_poly.type   'polypeptide(L)'
_entity_poly.pdbx_seq_one_letter_code
;MGSSHHHHHHSSGLVPRGSHMGFLSGKRILVTGVASKLSIAYGIAQAMHREGAELAFTYQNDKLKGRVEEFAAQLGSDIV
LQCDVAEDASIDTMFAELGKVWPKFDGFVHSIGFAPGDQLDGDYVNAVTREGFKIAHDISSYSFVAMAKACRSMLNPGSA
LLTLSYLGAERAIPNYNVMGLAKASLEANVRYMANAMGPEGVRVNAISAGPIRTLAASGIKDFRKMLAHCEAVTPIRRTV
TIEDVGNSAAFLCSDLSAGISGEVVHVDGGFSIAAMNELELK
;
_entity_poly.pdbx_strand_id   A,B
#
# COMPACT_ATOMS: atom_id res chain seq x y z
N MET A 21 -32.07 -20.95 -13.78
CA MET A 21 -31.35 -19.86 -13.13
C MET A 21 -29.86 -20.18 -13.02
N GLY A 22 -29.02 -19.16 -13.22
CA GLY A 22 -27.58 -19.30 -13.00
C GLY A 22 -27.23 -18.89 -11.58
N PHE A 23 -25.95 -18.98 -11.22
CA PHE A 23 -25.51 -18.52 -9.89
C PHE A 23 -25.68 -16.99 -9.79
N LEU A 24 -25.51 -16.42 -8.60
CA LEU A 24 -25.89 -15.02 -8.35
C LEU A 24 -27.38 -14.75 -8.60
N SER A 25 -28.21 -15.78 -8.47
CA SER A 25 -29.63 -15.68 -8.83
C SER A 25 -30.37 -14.74 -7.88
N GLY A 26 -30.28 -15.01 -6.58
CA GLY A 26 -30.98 -14.22 -5.57
C GLY A 26 -30.21 -13.01 -5.08
N LYS A 27 -29.19 -12.59 -5.84
CA LYS A 27 -28.22 -11.58 -5.38
C LYS A 27 -28.51 -10.19 -5.95
N ARG A 28 -28.23 -9.18 -5.13
CA ARG A 28 -28.31 -7.77 -5.55
C ARG A 28 -26.95 -7.11 -5.39
N ILE A 29 -26.33 -6.77 -6.53
CA ILE A 29 -24.95 -6.27 -6.54
C ILE A 29 -24.87 -4.87 -7.13
N LEU A 30 -24.14 -3.99 -6.45
CA LEU A 30 -23.89 -2.62 -6.93
C LEU A 30 -22.58 -2.57 -7.72
N VAL A 31 -22.62 -2.03 -8.94
CA VAL A 31 -21.44 -1.97 -9.79
C VAL A 31 -21.02 -0.52 -10.06
N THR A 32 -19.80 -0.17 -9.64
CA THR A 32 -19.25 1.15 -9.86
C THR A 32 -18.34 1.15 -11.08
N GLY A 33 -17.91 2.35 -11.47
CA GLY A 33 -16.86 2.50 -12.46
C GLY A 33 -17.17 1.99 -13.86
N VAL A 34 -18.44 2.04 -14.26
CA VAL A 34 -18.82 1.75 -15.63
C VAL A 34 -18.81 3.06 -16.43
N ALA A 35 -17.69 3.34 -17.09
CA ALA A 35 -17.55 4.58 -17.88
C ALA A 35 -17.65 4.34 -19.38
N SER A 36 -17.75 3.08 -19.79
CA SER A 36 -17.66 2.71 -21.20
C SER A 36 -18.04 1.24 -21.40
N LYS A 37 -18.29 0.86 -22.65
CA LYS A 37 -18.49 -0.56 -23.01
C LYS A 37 -17.16 -1.32 -22.98
N LEU A 38 -16.05 -0.58 -22.97
CA LEU A 38 -14.71 -1.14 -22.81
C LEU A 38 -14.28 -1.30 -21.36
N SER A 39 -14.97 -0.61 -20.44
CA SER A 39 -14.61 -0.64 -19.03
C SER A 39 -14.68 -2.06 -18.47
N ILE A 40 -13.78 -2.38 -17.54
CA ILE A 40 -13.81 -3.67 -16.84
C ILE A 40 -15.14 -3.85 -16.11
N ALA A 41 -15.69 -2.75 -15.60
CA ALA A 41 -16.96 -2.78 -14.88
C ALA A 41 -18.12 -3.18 -15.79
N TYR A 42 -18.01 -2.89 -17.09
CA TYR A 42 -19.03 -3.32 -18.04
C TYR A 42 -18.98 -4.83 -18.22
N GLY A 43 -17.79 -5.35 -18.48
CA GLY A 43 -17.58 -6.80 -18.58
C GLY A 43 -18.09 -7.57 -17.37
N ILE A 44 -17.89 -7.00 -16.17
CA ILE A 44 -18.34 -7.61 -14.93
C ILE A 44 -19.86 -7.56 -14.81
N ALA A 45 -20.44 -6.40 -15.09
CA ALA A 45 -21.90 -6.25 -15.06
C ALA A 45 -22.59 -7.23 -16.01
N GLN A 46 -22.08 -7.33 -17.23
CA GLN A 46 -22.62 -8.26 -18.22
C GLN A 46 -22.67 -9.69 -17.71
N ALA A 47 -21.56 -10.13 -17.12
CA ALA A 47 -21.46 -11.49 -16.59
C ALA A 47 -22.41 -11.73 -15.42
N MET A 48 -22.49 -10.76 -14.52
CA MET A 48 -23.35 -10.85 -13.34
C MET A 48 -24.82 -10.86 -13.70
N HIS A 49 -25.20 -10.07 -14.70
CA HIS A 49 -26.59 -10.08 -15.17
C HIS A 49 -26.93 -11.38 -15.90
N ARG A 50 -26.01 -11.83 -16.76
CA ARG A 50 -26.16 -13.11 -17.45
C ARG A 50 -26.41 -14.23 -16.43
N GLU A 51 -25.69 -14.17 -15.31
CA GLU A 51 -25.88 -15.15 -14.24
C GLU A 51 -27.07 -14.81 -13.32
N GLY A 52 -27.77 -13.73 -13.61
CA GLY A 52 -29.08 -13.45 -13.02
C GLY A 52 -29.09 -12.56 -11.80
N ALA A 53 -28.04 -11.77 -11.61
CA ALA A 53 -28.00 -10.82 -10.51
C ALA A 53 -28.84 -9.60 -10.87
N GLU A 54 -29.53 -9.05 -9.87
CA GLU A 54 -30.21 -7.77 -10.00
C GLU A 54 -29.16 -6.70 -9.72
N LEU A 55 -28.92 -5.82 -10.68
CA LEU A 55 -27.83 -4.85 -10.58
C LEU A 55 -28.30 -3.43 -10.27
N ALA A 56 -27.38 -2.64 -9.73
CA ALA A 56 -27.51 -1.20 -9.58
C ALA A 56 -26.17 -0.58 -9.95
N PHE A 57 -26.18 0.67 -10.44
CA PHE A 57 -24.96 1.30 -10.96
C PHE A 57 -24.71 2.68 -10.36
N THR A 58 -23.46 3.13 -10.45
CA THR A 58 -23.12 4.51 -10.10
C THR A 58 -22.30 5.18 -11.19
N TYR A 59 -22.28 6.51 -11.16
CA TYR A 59 -21.47 7.31 -12.07
C TYR A 59 -20.85 8.48 -11.31
N GLN A 60 -19.66 8.89 -11.73
CA GLN A 60 -18.97 10.01 -11.09
C GLN A 60 -19.59 11.34 -11.49
N ASN A 61 -19.40 11.74 -12.74
CA ASN A 61 -19.84 13.04 -13.25
C ASN A 61 -21.16 12.95 -13.99
N ASP A 62 -21.80 14.09 -14.18
CA ASP A 62 -23.03 14.16 -14.98
C ASP A 62 -22.76 13.96 -16.48
N LYS A 63 -21.48 14.05 -16.88
CA LYS A 63 -21.07 13.65 -18.24
C LYS A 63 -21.36 12.17 -18.51
N LEU A 64 -21.20 11.34 -17.48
CA LEU A 64 -21.40 9.90 -17.60
C LEU A 64 -22.86 9.50 -17.40
N LYS A 65 -23.65 10.35 -16.73
CA LYS A 65 -25.04 10.03 -16.38
C LYS A 65 -25.81 9.42 -17.55
N GLY A 66 -25.70 10.03 -18.73
CA GLY A 66 -26.41 9.55 -19.90
C GLY A 66 -26.04 8.12 -20.27
N ARG A 67 -24.74 7.86 -20.33
CA ARG A 67 -24.22 6.56 -20.77
C ARG A 67 -24.54 5.44 -19.77
N VAL A 68 -24.30 5.70 -18.50
CA VAL A 68 -24.48 4.68 -17.45
C VAL A 68 -25.95 4.27 -17.33
N GLU A 69 -26.86 5.23 -17.47
CA GLU A 69 -28.30 4.93 -17.43
C GLU A 69 -28.75 3.99 -18.54
N GLU A 70 -28.09 4.07 -19.69
CA GLU A 70 -28.39 3.22 -20.84
C GLU A 70 -27.83 1.82 -20.65
N PHE A 71 -26.56 1.73 -20.25
CA PHE A 71 -25.94 0.44 -19.97
C PHE A 71 -26.72 -0.27 -18.87
N ALA A 72 -27.19 0.49 -17.89
CA ALA A 72 -28.03 -0.04 -16.81
C ALA A 72 -29.38 -0.52 -17.33
N ALA A 73 -29.95 0.26 -18.26
CA ALA A 73 -31.25 -0.07 -18.85
C ALA A 73 -31.16 -1.30 -19.75
N GLN A 74 -30.07 -1.40 -20.52
CA GLN A 74 -29.81 -2.59 -21.33
C GLN A 74 -29.75 -3.84 -20.44
N LEU A 75 -29.05 -3.72 -19.32
CA LEU A 75 -28.93 -4.80 -18.34
C LEU A 75 -30.16 -4.92 -17.43
N GLY A 76 -31.17 -4.09 -17.65
CA GLY A 76 -32.44 -4.19 -16.91
C GLY A 76 -32.28 -3.70 -15.49
N SER A 77 -32.02 -2.40 -15.34
CA SER A 77 -31.80 -1.80 -14.03
C SER A 77 -32.30 -0.35 -14.03
N ASP A 78 -33.20 -0.04 -13.08
CA ASP A 78 -33.72 1.31 -12.90
C ASP A 78 -32.79 2.15 -12.01
N ILE A 79 -31.90 1.47 -11.27
CA ILE A 79 -31.09 2.11 -10.25
C ILE A 79 -29.78 2.62 -10.85
N VAL A 80 -29.63 3.94 -10.92
CA VAL A 80 -28.43 4.57 -11.48
C VAL A 80 -28.15 5.87 -10.72
N LEU A 81 -27.18 5.82 -9.80
CA LEU A 81 -27.00 6.87 -8.81
C LEU A 81 -25.63 7.53 -8.92
N GLN A 82 -25.59 8.85 -8.78
CA GLN A 82 -24.32 9.58 -8.85
C GLN A 82 -23.50 9.31 -7.59
N CYS A 83 -22.18 9.30 -7.73
CA CYS A 83 -21.28 9.16 -6.58
C CYS A 83 -19.83 9.47 -6.93
N ASP A 84 -19.31 10.57 -6.38
CA ASP A 84 -17.87 10.86 -6.44
C ASP A 84 -17.27 10.38 -5.12
N VAL A 85 -16.35 9.42 -5.22
CA VAL A 85 -15.88 8.70 -4.04
C VAL A 85 -14.86 9.52 -3.26
N ALA A 86 -14.47 10.68 -3.80
CA ALA A 86 -13.66 11.64 -3.06
C ALA A 86 -14.37 12.18 -1.80
N GLU A 87 -15.70 12.27 -1.84
CA GLU A 87 -16.50 12.89 -0.77
C GLU A 87 -17.25 11.88 0.09
N ASP A 88 -17.03 11.94 1.41
CA ASP A 88 -17.77 11.11 2.37
C ASP A 88 -19.29 11.28 2.25
N ALA A 89 -19.74 12.52 2.06
CA ALA A 89 -21.17 12.83 1.96
C ALA A 89 -21.80 12.27 0.68
N SER A 90 -21.10 12.41 -0.44
CA SER A 90 -21.53 11.84 -1.72
C SER A 90 -21.80 10.34 -1.60
N ILE A 91 -20.90 9.63 -0.93
CA ILE A 91 -21.02 8.19 -0.71
C ILE A 91 -22.24 7.86 0.16
N ASP A 92 -22.45 8.64 1.22
CA ASP A 92 -23.58 8.43 2.14
C ASP A 92 -24.94 8.70 1.48
N THR A 93 -25.00 9.76 0.67
CA THR A 93 -26.22 10.10 -0.05
C THR A 93 -26.61 9.02 -1.04
N MET A 94 -25.60 8.46 -1.71
CA MET A 94 -25.82 7.43 -2.71
C MET A 94 -26.39 6.15 -2.08
N PHE A 95 -25.80 5.71 -0.98
CA PHE A 95 -26.29 4.52 -0.28
C PHE A 95 -27.63 4.76 0.42
N ALA A 96 -27.94 6.03 0.71
CA ALA A 96 -29.26 6.41 1.21
C ALA A 96 -30.30 6.27 0.10
N GLU A 97 -29.96 6.77 -1.09
CA GLU A 97 -30.83 6.64 -2.26
C GLU A 97 -31.03 5.18 -2.62
N LEU A 98 -29.95 4.40 -2.60
CA LEU A 98 -30.01 2.97 -2.86
C LEU A 98 -30.85 2.24 -1.80
N GLY A 99 -30.79 2.74 -0.56
CA GLY A 99 -31.58 2.17 0.53
C GLY A 99 -33.08 2.27 0.31
N LYS A 100 -33.52 3.32 -0.39
CA LYS A 100 -34.94 3.51 -0.70
C LYS A 100 -35.50 2.35 -1.53
N VAL A 101 -34.68 1.82 -2.44
CA VAL A 101 -35.07 0.69 -3.27
C VAL A 101 -34.46 -0.64 -2.80
N TRP A 102 -33.21 -0.62 -2.34
CA TRP A 102 -32.52 -1.80 -1.84
C TRP A 102 -32.22 -1.65 -0.35
N PRO A 103 -33.24 -1.82 0.52
CA PRO A 103 -32.98 -1.64 1.96
C PRO A 103 -31.80 -2.48 2.43
N LYS A 104 -31.74 -3.72 1.97
CA LYS A 104 -30.57 -4.57 2.16
C LYS A 104 -30.19 -5.19 0.81
N PHE A 105 -28.89 -5.39 0.60
CA PHE A 105 -28.38 -5.95 -0.65
C PHE A 105 -27.14 -6.81 -0.39
N ASP A 106 -26.57 -7.38 -1.44
CA ASP A 106 -25.60 -8.48 -1.30
C ASP A 106 -24.17 -8.17 -1.76
N GLY A 107 -23.78 -6.89 -1.73
CA GLY A 107 -22.40 -6.49 -1.99
C GLY A 107 -22.22 -5.58 -3.18
N PHE A 108 -20.96 -5.24 -3.47
CA PHE A 108 -20.64 -4.30 -4.55
C PHE A 108 -19.27 -4.52 -5.18
N VAL A 109 -19.06 -3.90 -6.33
CA VAL A 109 -17.82 -4.01 -7.08
C VAL A 109 -17.11 -2.66 -7.13
N HIS A 110 -15.87 -2.65 -6.65
CA HIS A 110 -15.05 -1.45 -6.60
C HIS A 110 -14.10 -1.40 -7.80
N SER A 111 -14.52 -0.68 -8.84
CA SER A 111 -13.76 -0.60 -10.09
C SER A 111 -13.29 0.85 -10.34
N ILE A 112 -12.86 1.52 -9.28
CA ILE A 112 -12.42 2.91 -9.38
C ILE A 112 -10.90 3.00 -9.17
N GLY A 113 -10.24 3.77 -10.03
CA GLY A 113 -8.81 4.03 -9.90
C GLY A 113 -8.42 5.33 -10.60
N PHE A 114 -7.65 6.16 -9.91
CA PHE A 114 -7.15 7.39 -10.50
C PHE A 114 -5.83 7.81 -9.87
N ALA A 115 -5.01 8.49 -10.68
CA ALA A 115 -3.86 9.24 -10.20
C ALA A 115 -3.58 10.32 -11.23
N PRO A 116 -3.37 11.57 -10.77
CA PRO A 116 -3.14 12.67 -11.72
C PRO A 116 -2.24 12.24 -12.89
N GLY A 117 -2.75 12.37 -14.11
CA GLY A 117 -2.07 11.88 -15.31
C GLY A 117 -0.56 11.97 -15.27
N ASP A 118 -0.06 13.16 -14.94
CA ASP A 118 1.38 13.44 -14.92
C ASP A 118 2.20 12.56 -13.96
N GLN A 119 1.53 11.93 -12.99
CA GLN A 119 2.20 11.01 -12.04
C GLN A 119 2.70 9.72 -12.68
N LEU A 120 2.17 9.38 -13.85
CA LEU A 120 2.46 8.10 -14.50
C LEU A 120 3.33 8.26 -15.75
N ASP A 121 4.09 9.34 -15.83
CA ASP A 121 4.74 9.72 -17.09
C ASP A 121 6.10 9.08 -17.30
N GLY A 122 7.00 9.23 -16.32
CA GLY A 122 8.39 8.78 -16.49
C GLY A 122 8.97 8.17 -15.24
N ASP A 123 10.19 8.57 -14.90
CA ASP A 123 10.87 8.10 -13.69
C ASP A 123 9.99 8.34 -12.47
N TYR A 124 9.86 7.30 -11.63
CA TYR A 124 8.91 7.31 -10.52
C TYR A 124 9.18 8.41 -9.51
N VAL A 125 10.42 8.46 -9.02
CA VAL A 125 10.76 9.39 -7.94
C VAL A 125 10.77 10.85 -8.43
N ASN A 126 10.98 11.06 -9.73
CA ASN A 126 10.83 12.39 -10.32
C ASN A 126 9.37 12.81 -10.40
N ALA A 127 8.54 11.93 -10.94
CA ALA A 127 7.12 12.22 -11.17
C ALA A 127 6.32 12.39 -9.87
N VAL A 128 6.63 11.55 -8.88
CA VAL A 128 5.85 11.48 -7.65
C VAL A 128 5.86 12.80 -6.85
N THR A 129 4.69 13.16 -6.33
CA THR A 129 4.53 14.34 -5.47
C THR A 129 3.56 14.02 -4.33
N ARG A 130 3.66 14.80 -3.25
CA ARG A 130 2.83 14.56 -2.06
C ARG A 130 1.34 14.58 -2.41
N GLU A 131 0.94 15.47 -3.31
CA GLU A 131 -0.46 15.57 -3.74
C GLU A 131 -0.85 14.41 -4.67
N GLY A 132 0.04 14.08 -5.59
CA GLY A 132 -0.16 12.92 -6.46
C GLY A 132 -0.33 11.66 -5.65
N PHE A 133 0.52 11.49 -4.65
CA PHE A 133 0.44 10.38 -3.71
C PHE A 133 -0.88 10.33 -2.96
N LYS A 134 -1.35 11.48 -2.47
CA LYS A 134 -2.59 11.55 -1.68
C LYS A 134 -3.79 11.14 -2.52
N ILE A 135 -3.95 11.81 -3.66
CA ILE A 135 -5.09 11.58 -4.54
C ILE A 135 -5.13 10.10 -4.98
N ALA A 136 -3.99 9.57 -5.39
CA ALA A 136 -3.88 8.18 -5.84
C ALA A 136 -4.33 7.19 -4.76
N HIS A 137 -3.87 7.40 -3.53
CA HIS A 137 -4.23 6.51 -2.42
C HIS A 137 -5.65 6.73 -1.90
N ASP A 138 -6.16 7.94 -2.05
CA ASP A 138 -7.50 8.28 -1.57
C ASP A 138 -8.57 7.66 -2.47
N ILE A 139 -8.37 7.78 -3.77
CA ILE A 139 -9.35 7.35 -4.77
C ILE A 139 -9.28 5.85 -5.10
N SER A 140 -8.09 5.27 -5.01
CA SER A 140 -7.86 3.90 -5.48
C SER A 140 -7.78 2.86 -4.35
N SER A 141 -7.50 3.32 -3.13
CA SER A 141 -7.33 2.41 -1.98
C SER A 141 -8.35 2.67 -0.88
N TYR A 142 -8.40 3.90 -0.37
CA TYR A 142 -9.33 4.24 0.72
C TYR A 142 -10.78 4.18 0.26
N SER A 143 -11.07 4.79 -0.89
CA SER A 143 -12.40 4.77 -1.49
C SER A 143 -13.16 3.46 -1.24
N PHE A 144 -12.43 2.34 -1.33
CA PHE A 144 -12.97 1.00 -1.10
C PHE A 144 -13.53 0.80 0.33
N VAL A 145 -12.78 1.20 1.35
CA VAL A 145 -13.30 1.14 2.74
C VAL A 145 -14.40 2.16 2.97
N ALA A 146 -14.16 3.40 2.55
CA ALA A 146 -15.17 4.46 2.67
C ALA A 146 -16.54 3.94 2.27
N MET A 147 -16.55 3.26 1.13
CA MET A 147 -17.76 2.70 0.56
C MET A 147 -18.31 1.57 1.43
N ALA A 148 -17.43 0.71 1.94
CA ALA A 148 -17.82 -0.39 2.80
C ALA A 148 -18.35 0.10 4.15
N LYS A 149 -17.78 1.18 4.66
CA LYS A 149 -18.27 1.80 5.91
C LYS A 149 -19.71 2.27 5.73
N ALA A 150 -19.98 2.91 4.60
CA ALA A 150 -21.25 3.56 4.34
C ALA A 150 -22.41 2.59 4.21
N CYS A 151 -22.15 1.40 3.66
CA CYS A 151 -23.21 0.41 3.40
C CYS A 151 -23.10 -0.84 4.27
N ARG A 152 -22.25 -0.83 5.29
CA ARG A 152 -22.00 -2.01 6.10
C ARG A 152 -23.26 -2.60 6.73
N SER A 153 -24.15 -1.71 7.17
CA SER A 153 -25.39 -2.11 7.85
C SER A 153 -26.44 -2.68 6.89
N MET A 154 -26.23 -2.49 5.59
CA MET A 154 -27.17 -2.96 4.56
C MET A 154 -26.80 -4.34 4.01
N LEU A 155 -25.54 -4.73 4.16
CA LEU A 155 -25.06 -6.01 3.64
C LEU A 155 -25.76 -7.21 4.27
N ASN A 156 -26.22 -8.14 3.42
CA ASN A 156 -26.80 -9.40 3.89
C ASN A 156 -25.73 -10.37 4.39
N PRO A 157 -26.14 -11.38 5.17
CA PRO A 157 -25.21 -12.46 5.46
C PRO A 157 -24.93 -13.26 4.19
N GLY A 158 -23.67 -13.66 4.00
CA GLY A 158 -23.23 -14.32 2.76
C GLY A 158 -22.89 -13.35 1.63
N SER A 159 -22.86 -12.06 1.95
CA SER A 159 -22.61 -11.02 0.96
C SER A 159 -21.10 -10.96 0.62
N ALA A 160 -20.76 -10.33 -0.49
CA ALA A 160 -19.37 -10.34 -0.98
C ALA A 160 -18.95 -9.01 -1.62
N LEU A 161 -17.73 -8.57 -1.29
CA LEU A 161 -17.17 -7.31 -1.80
C LEU A 161 -15.97 -7.61 -2.70
N LEU A 162 -15.85 -6.89 -3.81
CA LEU A 162 -14.79 -7.13 -4.79
C LEU A 162 -14.14 -5.83 -5.25
N THR A 163 -12.84 -5.87 -5.47
CA THR A 163 -12.11 -4.74 -6.04
C THR A 163 -11.15 -5.24 -7.10
N LEU A 164 -10.53 -4.30 -7.83
CA LEU A 164 -9.63 -4.62 -8.95
C LEU A 164 -8.25 -4.02 -8.76
N SER A 165 -7.23 -4.88 -8.81
CA SER A 165 -5.84 -4.45 -8.63
C SER A 165 -5.00 -4.81 -9.86
N TYR A 166 -3.73 -4.40 -9.83
CA TYR A 166 -2.77 -4.71 -10.89
C TYR A 166 -1.46 -5.21 -10.30
N LEU A 167 -0.66 -5.91 -11.11
CA LEU A 167 0.65 -6.45 -10.69
C LEU A 167 1.61 -5.38 -10.16
N GLY A 168 1.38 -4.12 -10.52
CA GLY A 168 2.14 -3.00 -9.97
C GLY A 168 2.12 -2.91 -8.45
N ALA A 169 1.11 -3.51 -7.82
CA ALA A 169 1.05 -3.64 -6.37
C ALA A 169 2.18 -4.49 -5.83
N GLU A 170 2.47 -5.59 -6.53
CA GLU A 170 3.47 -6.57 -6.10
C GLU A 170 4.86 -6.33 -6.68
N ARG A 171 4.93 -5.64 -7.82
CA ARG A 171 6.19 -5.42 -8.54
C ARG A 171 6.39 -3.99 -9.05
N ALA A 172 7.64 -3.66 -9.37
CA ALA A 172 7.99 -2.34 -9.88
C ALA A 172 7.88 -2.33 -11.40
N ILE A 173 6.82 -1.70 -11.89
CA ILE A 173 6.55 -1.61 -13.32
C ILE A 173 6.74 -0.18 -13.79
N PRO A 174 7.55 0.02 -14.85
CA PRO A 174 7.87 1.38 -15.28
C PRO A 174 6.64 2.22 -15.61
N ASN A 175 6.69 3.49 -15.25
CA ASN A 175 5.60 4.45 -15.49
C ASN A 175 4.27 4.09 -14.82
N TYR A 176 4.27 3.18 -13.84
CA TYR A 176 3.04 2.85 -13.13
C TYR A 176 3.18 3.72 -11.88
N ASN A 177 4.41 3.85 -11.40
CA ASN A 177 4.74 4.84 -10.39
C ASN A 177 3.83 4.73 -9.16
N VAL A 178 3.24 5.86 -8.73
CA VAL A 178 2.50 5.93 -7.46
C VAL A 178 1.34 4.98 -7.40
N MET A 179 0.76 4.67 -8.56
CA MET A 179 -0.39 3.80 -8.63
C MET A 179 -0.09 2.42 -8.02
N GLY A 180 1.14 1.95 -8.20
CA GLY A 180 1.59 0.68 -7.60
C GLY A 180 1.54 0.67 -6.09
N LEU A 181 1.80 1.82 -5.47
CA LEU A 181 1.70 1.94 -4.02
C LEU A 181 0.23 1.96 -3.60
N ALA A 182 -0.58 2.72 -4.33
CA ALA A 182 -2.01 2.79 -4.09
C ALA A 182 -2.63 1.41 -4.20
N LYS A 183 -2.16 0.63 -5.18
CA LYS A 183 -2.65 -0.73 -5.38
C LYS A 183 -2.15 -1.69 -4.30
N ALA A 184 -0.94 -1.46 -3.80
CA ALA A 184 -0.41 -2.23 -2.66
C ALA A 184 -1.24 -1.97 -1.42
N SER A 185 -1.50 -0.69 -1.16
CA SER A 185 -2.39 -0.27 -0.08
C SER A 185 -3.77 -0.91 -0.23
N LEU A 186 -4.28 -0.93 -1.46
CA LEU A 186 -5.59 -1.52 -1.75
C LEU A 186 -5.63 -3.03 -1.46
N GLU A 187 -4.56 -3.75 -1.80
CA GLU A 187 -4.53 -5.19 -1.59
C GLU A 187 -4.45 -5.54 -0.10
N ALA A 188 -3.77 -4.69 0.67
CA ALA A 188 -3.75 -4.79 2.13
C ALA A 188 -5.13 -4.44 2.68
N ASN A 189 -5.77 -3.44 2.06
CA ASN A 189 -7.12 -3.05 2.43
C ASN A 189 -8.10 -4.23 2.31
N VAL A 190 -8.01 -4.97 1.21
CA VAL A 190 -8.82 -6.18 1.01
C VAL A 190 -8.64 -7.16 2.17
N ARG A 191 -7.40 -7.27 2.63
CA ARG A 191 -7.04 -8.23 3.67
C ARG A 191 -7.65 -7.84 5.01
N TYR A 192 -7.45 -6.59 5.41
CA TYR A 192 -7.98 -6.08 6.67
C TYR A 192 -9.51 -6.04 6.68
N MET A 193 -10.09 -5.63 5.55
CA MET A 193 -11.53 -5.61 5.40
C MET A 193 -12.13 -7.00 5.54
N ALA A 194 -11.54 -7.95 4.82
CA ALA A 194 -11.96 -9.35 4.89
C ALA A 194 -11.91 -9.87 6.32
N ASN A 195 -10.84 -9.48 7.04
CA ASN A 195 -10.64 -9.93 8.42
C ASN A 195 -11.65 -9.31 9.36
N ALA A 196 -11.87 -8.02 9.21
CA ALA A 196 -12.81 -7.28 10.05
C ALA A 196 -14.25 -7.74 9.80
N MET A 197 -14.62 -7.88 8.54
CA MET A 197 -16.01 -8.15 8.16
C MET A 197 -16.37 -9.64 8.03
N GLY A 198 -15.37 -10.52 8.07
CA GLY A 198 -15.61 -11.96 7.98
C GLY A 198 -16.73 -12.47 8.88
N PRO A 199 -16.57 -12.31 10.20
CA PRO A 199 -17.51 -12.77 11.24
C PRO A 199 -19.00 -12.46 10.99
N GLU A 200 -19.29 -11.32 10.38
CA GLU A 200 -20.66 -10.93 10.07
C GLU A 200 -21.13 -11.43 8.68
N GLY A 201 -20.44 -12.46 8.15
CA GLY A 201 -20.82 -13.06 6.88
C GLY A 201 -20.58 -12.17 5.68
N VAL A 202 -19.39 -11.56 5.63
CA VAL A 202 -18.99 -10.74 4.49
C VAL A 202 -17.58 -11.11 4.06
N ARG A 203 -17.43 -11.44 2.78
CA ARG A 203 -16.14 -11.79 2.21
C ARG A 203 -15.66 -10.64 1.33
N VAL A 204 -14.36 -10.36 1.39
CA VAL A 204 -13.76 -9.28 0.60
C VAL A 204 -12.56 -9.84 -0.17
N ASN A 205 -12.58 -9.69 -1.49
CA ASN A 205 -11.51 -10.20 -2.34
C ASN A 205 -11.12 -9.18 -3.40
N ALA A 206 -10.09 -9.50 -4.17
CA ALA A 206 -9.63 -8.67 -5.27
C ALA A 206 -9.23 -9.51 -6.48
N ILE A 207 -9.37 -8.92 -7.67
CA ILE A 207 -8.85 -9.51 -8.90
C ILE A 207 -7.68 -8.66 -9.37
N SER A 208 -6.49 -9.25 -9.39
CA SER A 208 -5.35 -8.63 -10.04
C SER A 208 -5.43 -8.95 -11.53
N ALA A 209 -6.01 -8.02 -12.29
CA ALA A 209 -6.26 -8.25 -13.72
C ALA A 209 -5.00 -7.98 -14.51
N GLY A 210 -4.89 -8.64 -15.66
CA GLY A 210 -3.80 -8.38 -16.59
C GLY A 210 -4.08 -7.12 -17.39
N PRO A 211 -3.11 -6.67 -18.19
CA PRO A 211 -3.31 -5.47 -19.01
C PRO A 211 -4.41 -5.59 -20.08
N ILE A 212 -5.39 -4.70 -20.01
CA ILE A 212 -6.49 -4.59 -20.98
C ILE A 212 -6.56 -3.14 -21.48
N ARG A 213 -6.92 -2.94 -22.75
CA ARG A 213 -7.05 -1.58 -23.30
C ARG A 213 -8.44 -0.99 -23.04
N THR A 214 -8.52 -0.20 -21.97
CA THR A 214 -9.77 0.44 -21.53
C THR A 214 -9.53 1.96 -21.46
N LEU A 215 -10.40 2.69 -20.75
CA LEU A 215 -10.21 4.14 -20.57
C LEU A 215 -8.96 4.50 -19.75
N ALA A 216 -8.47 3.57 -18.93
CA ALA A 216 -7.24 3.79 -18.16
C ALA A 216 -5.96 3.55 -18.98
N ALA A 217 -6.11 3.04 -20.20
CA ALA A 217 -4.97 2.78 -21.09
C ALA A 217 -4.48 4.03 -21.84
N SER A 218 -5.19 5.15 -21.71
CA SER A 218 -4.80 6.40 -22.35
C SER A 218 -4.69 7.51 -21.30
N GLY A 219 -3.75 8.44 -21.45
CA GLY A 219 -2.75 8.46 -22.53
C GLY A 219 -1.43 7.88 -22.05
N ILE A 220 -1.42 6.56 -21.83
CA ILE A 220 -0.27 5.86 -21.27
C ILE A 220 0.78 5.63 -22.35
N LYS A 221 2.05 5.83 -22.00
CA LYS A 221 3.15 5.73 -22.94
C LYS A 221 3.44 4.28 -23.31
N ASP A 222 3.59 4.02 -24.61
CA ASP A 222 4.02 2.72 -25.15
C ASP A 222 3.04 1.57 -24.88
N PHE A 223 1.75 1.90 -24.76
CA PHE A 223 0.74 0.91 -24.39
C PHE A 223 0.53 -0.15 -25.47
N ARG A 224 0.64 0.26 -26.73
CA ARG A 224 0.52 -0.67 -27.85
C ARG A 224 1.60 -1.74 -27.77
N LYS A 225 2.86 -1.30 -27.78
CA LYS A 225 4.02 -2.21 -27.73
C LYS A 225 4.06 -3.04 -26.45
N MET A 226 3.54 -2.49 -25.37
CA MET A 226 3.51 -3.17 -24.07
C MET A 226 2.60 -4.39 -24.11
N LEU A 227 1.42 -4.24 -24.72
CA LEU A 227 0.48 -5.36 -24.88
C LEU A 227 1.02 -6.45 -25.80
N ALA A 228 1.72 -6.05 -26.86
CA ALA A 228 2.34 -7.00 -27.79
C ALA A 228 3.38 -7.86 -27.06
N HIS A 229 4.26 -7.20 -26.31
CA HIS A 229 5.29 -7.88 -25.52
C HIS A 229 4.68 -8.73 -24.39
N CYS A 230 3.56 -8.27 -23.86
CA CYS A 230 2.83 -8.98 -22.80
C CYS A 230 2.09 -10.22 -23.31
N GLU A 231 1.63 -10.17 -24.55
CA GLU A 231 0.89 -11.29 -25.12
C GLU A 231 1.80 -12.40 -25.64
N ALA A 232 3.07 -12.06 -25.88
CA ALA A 232 4.07 -13.06 -26.27
C ALA A 232 4.55 -13.92 -25.10
N VAL A 233 4.71 -13.29 -23.93
CA VAL A 233 5.31 -13.94 -22.76
C VAL A 233 4.30 -14.46 -21.72
N THR A 234 3.03 -14.10 -21.87
CA THR A 234 1.97 -14.63 -20.99
C THR A 234 1.67 -16.07 -21.42
N PRO A 235 1.68 -17.03 -20.45
CA PRO A 235 1.54 -18.46 -20.76
C PRO A 235 0.38 -18.80 -21.69
N ILE A 236 -0.80 -18.27 -21.37
CA ILE A 236 -2.01 -18.47 -22.15
C ILE A 236 -1.88 -17.91 -23.58
N ARG A 237 -0.88 -17.04 -23.77
CA ARG A 237 -0.45 -16.58 -25.09
C ARG A 237 -1.44 -15.59 -25.73
N ARG A 238 -2.33 -15.04 -24.92
CA ARG A 238 -3.16 -13.91 -25.32
C ARG A 238 -3.33 -12.98 -24.13
N THR A 239 -3.68 -11.73 -24.41
CA THR A 239 -3.95 -10.75 -23.38
C THR A 239 -5.40 -10.95 -22.90
N VAL A 240 -5.61 -10.79 -21.59
CA VAL A 240 -6.92 -11.08 -20.98
C VAL A 240 -7.97 -10.05 -21.40
N THR A 241 -9.24 -10.47 -21.39
CA THR A 241 -10.36 -9.60 -21.79
C THR A 241 -11.31 -9.35 -20.62
N ILE A 242 -12.19 -8.35 -20.80
CA ILE A 242 -13.15 -7.96 -19.76
C ILE A 242 -14.20 -9.06 -19.49
N GLU A 243 -14.31 -10.02 -20.40
CA GLU A 243 -15.18 -11.16 -20.21
C GLU A 243 -14.58 -12.15 -19.20
N ASP A 244 -13.27 -12.42 -19.35
CA ASP A 244 -12.57 -13.35 -18.46
C ASP A 244 -12.60 -12.87 -17.01
N VAL A 245 -12.35 -11.58 -16.83
CA VAL A 245 -12.33 -10.99 -15.49
C VAL A 245 -13.76 -10.82 -14.96
N GLY A 246 -14.69 -10.47 -15.85
CA GLY A 246 -16.11 -10.42 -15.51
C GLY A 246 -16.61 -11.76 -14.97
N ASN A 247 -16.15 -12.85 -15.58
CA ASN A 247 -16.52 -14.20 -15.15
C ASN A 247 -15.97 -14.54 -13.77
N SER A 248 -14.70 -14.24 -13.54
CA SER A 248 -14.08 -14.46 -12.24
C SER A 248 -14.76 -13.58 -11.20
N ALA A 249 -14.99 -12.32 -11.55
CA ALA A 249 -15.68 -11.36 -10.67
C ALA A 249 -17.04 -11.89 -10.22
N ALA A 250 -17.83 -12.38 -11.18
CA ALA A 250 -19.14 -12.96 -10.88
C ALA A 250 -19.00 -14.13 -9.91
N PHE A 251 -18.01 -14.98 -10.16
CA PHE A 251 -17.71 -16.11 -9.28
C PHE A 251 -17.28 -15.66 -7.88
N LEU A 252 -16.36 -14.71 -7.80
CA LEU A 252 -15.89 -14.16 -6.52
C LEU A 252 -17.01 -13.54 -5.68
N CYS A 253 -18.01 -12.95 -6.34
CA CYS A 253 -19.14 -12.34 -5.64
C CYS A 253 -20.31 -13.31 -5.47
N SER A 254 -20.08 -14.58 -5.80
CA SER A 254 -21.10 -15.63 -5.75
C SER A 254 -20.84 -16.59 -4.60
N ASP A 255 -21.86 -17.36 -4.22
CA ASP A 255 -21.74 -18.35 -3.15
C ASP A 255 -20.89 -19.57 -3.54
N LEU A 256 -20.49 -19.65 -4.80
CA LEU A 256 -19.50 -20.63 -5.25
C LEU A 256 -18.13 -20.32 -4.65
N SER A 257 -17.90 -19.05 -4.32
CA SER A 257 -16.66 -18.58 -3.73
C SER A 257 -16.76 -18.39 -2.21
N ALA A 258 -17.71 -19.09 -1.58
CA ALA A 258 -17.95 -18.96 -0.14
C ALA A 258 -16.71 -19.25 0.71
N GLY A 259 -15.79 -20.04 0.16
CA GLY A 259 -14.56 -20.39 0.86
C GLY A 259 -13.37 -19.47 0.58
N ILE A 260 -13.57 -18.41 -0.20
CA ILE A 260 -12.49 -17.50 -0.57
C ILE A 260 -12.74 -16.08 -0.03
N SER A 261 -11.87 -15.63 0.87
CA SER A 261 -11.93 -14.26 1.38
C SER A 261 -10.52 -13.73 1.63
N GLY A 262 -10.34 -12.42 1.41
CA GLY A 262 -9.04 -11.77 1.62
C GLY A 262 -8.00 -12.13 0.57
N GLU A 263 -8.45 -12.71 -0.54
CA GLU A 263 -7.57 -13.23 -1.56
C GLU A 263 -7.42 -12.25 -2.73
N VAL A 264 -6.23 -12.18 -3.29
CA VAL A 264 -5.93 -11.39 -4.47
C VAL A 264 -5.76 -12.37 -5.63
N VAL A 265 -6.85 -12.61 -6.35
CA VAL A 265 -6.85 -13.61 -7.43
C VAL A 265 -6.29 -13.01 -8.71
N HIS A 266 -5.22 -13.60 -9.24
CA HIS A 266 -4.59 -13.09 -10.46
C HIS A 266 -5.34 -13.60 -11.69
N VAL A 267 -6.08 -12.71 -12.33
CA VAL A 267 -6.74 -13.00 -13.60
C VAL A 267 -5.82 -12.40 -14.66
N ASP A 268 -4.68 -13.08 -14.80
CA ASP A 268 -3.52 -12.54 -15.48
C ASP A 268 -3.22 -13.24 -16.80
N GLY A 269 -3.80 -14.43 -16.98
CA GLY A 269 -3.37 -15.36 -18.03
C GLY A 269 -2.14 -16.13 -17.62
N GLY A 270 -1.70 -15.97 -16.37
CA GLY A 270 -0.49 -16.60 -15.86
C GLY A 270 0.78 -15.78 -16.02
N PHE A 271 0.66 -14.52 -16.44
CA PHE A 271 1.81 -13.67 -16.70
C PHE A 271 2.73 -13.54 -15.47
N SER A 272 2.14 -13.20 -14.32
CA SER A 272 2.92 -12.91 -13.11
C SER A 272 3.77 -14.08 -12.63
N ILE A 273 3.29 -15.31 -12.84
CA ILE A 273 4.00 -16.49 -12.34
C ILE A 273 5.11 -17.00 -13.27
N ALA A 274 5.24 -16.40 -14.45
CA ALA A 274 6.32 -16.74 -15.38
C ALA A 274 7.43 -15.70 -15.28
N ALA A 275 8.57 -16.01 -15.88
CA ALA A 275 9.68 -15.06 -15.96
C ALA A 275 10.67 -15.48 -17.04
N MET A 276 11.23 -14.48 -17.73
CA MET A 276 12.27 -14.66 -18.75
C MET A 276 11.81 -15.43 -19.99
N ASN A 277 11.01 -14.77 -20.82
CA ASN A 277 10.66 -15.29 -22.14
C ASN A 277 10.98 -14.21 -23.20
N GLU A 278 11.57 -14.56 -24.34
CA GLU A 278 12.01 -15.92 -24.69
C GLU A 278 13.54 -16.03 -24.57
N GLY B 22 35.51 -2.02 10.93
CA GLY B 22 34.12 -1.57 10.60
C GLY B 22 33.77 -1.74 9.14
N PHE B 23 32.82 -2.63 8.82
CA PHE B 23 32.38 -2.84 7.44
C PHE B 23 31.49 -1.69 6.91
N LEU B 24 31.26 -0.70 7.76
CA LEU B 24 30.49 0.48 7.38
C LEU B 24 31.40 1.71 7.42
N SER B 25 32.71 1.48 7.45
CA SER B 25 33.70 2.54 7.57
C SER B 25 33.91 3.28 6.26
N GLY B 26 33.96 4.61 6.32
CA GLY B 26 34.04 5.46 5.13
C GLY B 26 32.67 5.93 4.63
N LYS B 27 31.60 5.41 5.23
CA LYS B 27 30.24 5.74 4.84
C LYS B 27 29.66 6.81 5.76
N ARG B 28 28.92 7.75 5.16
CA ARG B 28 28.22 8.79 5.89
C ARG B 28 26.72 8.59 5.71
N ILE B 29 26.04 8.22 6.79
CA ILE B 29 24.63 7.81 6.71
C ILE B 29 23.76 8.62 7.67
N LEU B 30 22.66 9.14 7.15
CA LEU B 30 21.71 9.95 7.93
C LEU B 30 20.67 9.04 8.60
N VAL B 31 20.62 9.07 9.92
CA VAL B 31 19.63 8.29 10.68
C VAL B 31 18.51 9.20 11.19
N THR B 32 17.26 8.79 10.96
CA THR B 32 16.09 9.53 11.43
C THR B 32 15.34 8.73 12.47
N GLY B 33 14.34 9.38 13.07
CA GLY B 33 13.36 8.69 13.90
C GLY B 33 13.88 8.11 15.20
N VAL B 34 14.95 8.68 15.73
CA VAL B 34 15.45 8.29 17.04
C VAL B 34 14.87 9.27 18.06
N ALA B 35 14.21 8.73 19.08
CA ALA B 35 13.55 9.55 20.11
C ALA B 35 13.71 8.98 21.53
N SER B 36 14.49 7.91 21.66
CA SER B 36 14.58 7.16 22.91
C SER B 36 15.72 6.13 22.80
N LYS B 37 16.27 5.71 23.94
CA LYS B 37 17.24 4.60 23.93
C LYS B 37 16.58 3.29 23.52
N LEU B 38 15.28 3.19 23.76
CA LEU B 38 14.47 2.05 23.31
C LEU B 38 14.13 2.12 21.81
N SER B 39 14.22 3.32 21.22
CA SER B 39 13.91 3.53 19.80
C SER B 39 14.70 2.63 18.86
N ILE B 40 14.06 2.18 17.79
CA ILE B 40 14.65 1.23 16.84
C ILE B 40 15.83 1.86 16.08
N ALA B 41 15.74 3.16 15.80
CA ALA B 41 16.83 3.88 15.14
C ALA B 41 18.05 4.06 16.05
N TYR B 42 17.81 4.10 17.36
CA TYR B 42 18.91 4.14 18.33
C TYR B 42 19.76 2.89 18.23
N GLY B 43 19.11 1.74 18.14
CA GLY B 43 19.79 0.46 17.92
C GLY B 43 20.56 0.44 16.62
N ILE B 44 19.93 0.94 15.56
CA ILE B 44 20.56 1.01 14.25
C ILE B 44 21.76 1.96 14.27
N ALA B 45 21.56 3.16 14.82
CA ALA B 45 22.62 4.16 14.91
C ALA B 45 23.88 3.64 15.61
N GLN B 46 23.71 3.04 16.78
CA GLN B 46 24.86 2.55 17.55
C GLN B 46 25.49 1.27 16.97
N ALA B 47 24.70 0.50 16.24
CA ALA B 47 25.23 -0.61 15.45
C ALA B 47 26.00 -0.06 14.25
N MET B 48 25.47 1.02 13.67
CA MET B 48 26.08 1.66 12.52
C MET B 48 27.37 2.36 12.95
N HIS B 49 27.34 2.94 14.15
CA HIS B 49 28.51 3.60 14.77
C HIS B 49 29.62 2.59 15.03
N ARG B 50 29.25 1.47 15.64
CA ARG B 50 30.19 0.40 15.97
C ARG B 50 31.04 -0.05 14.79
N GLU B 51 30.45 -0.02 13.58
CA GLU B 51 31.15 -0.44 12.37
C GLU B 51 31.80 0.74 11.63
N GLY B 52 32.09 1.82 12.37
CA GLY B 52 32.92 2.90 11.85
C GLY B 52 32.29 3.86 10.86
N ALA B 53 30.96 3.88 10.81
CA ALA B 53 30.24 4.85 9.96
C ALA B 53 30.17 6.21 10.64
N GLU B 54 30.14 7.27 9.84
CA GLU B 54 29.87 8.62 10.35
C GLU B 54 28.38 8.88 10.23
N LEU B 55 27.77 9.35 11.33
CA LEU B 55 26.32 9.51 11.38
C LEU B 55 25.87 10.96 11.51
N ALA B 56 24.75 11.28 10.84
CA ALA B 56 24.01 12.52 11.05
C ALA B 56 22.61 12.13 11.52
N PHE B 57 21.94 13.03 12.24
CA PHE B 57 20.64 12.73 12.82
C PHE B 57 19.59 13.79 12.50
N THR B 58 18.32 13.41 12.65
CA THR B 58 17.22 14.38 12.60
C THR B 58 16.28 14.19 13.77
N TYR B 59 15.55 15.25 14.09
CA TYR B 59 14.52 15.23 15.12
C TYR B 59 13.27 15.91 14.57
N GLN B 60 12.11 15.43 14.96
CA GLN B 60 10.87 15.95 14.43
C GLN B 60 10.47 17.26 15.08
N ASN B 61 10.63 17.34 16.39
CA ASN B 61 10.09 18.42 17.20
C ASN B 61 11.16 19.15 17.99
N ASP B 62 10.81 20.33 18.46
CA ASP B 62 11.59 20.99 19.51
C ASP B 62 11.65 20.11 20.77
N LYS B 63 10.60 19.33 20.98
CA LYS B 63 10.53 18.39 22.10
C LYS B 63 11.66 17.36 22.09
N LEU B 64 11.98 16.85 20.90
CA LEU B 64 12.99 15.78 20.76
C LEU B 64 14.43 16.31 20.69
N LYS B 65 14.59 17.56 20.28
CA LYS B 65 15.91 18.11 19.97
C LYS B 65 16.99 17.75 20.99
N GLY B 66 16.67 17.91 22.28
CA GLY B 66 17.64 17.66 23.34
C GLY B 66 18.16 16.23 23.41
N ARG B 67 17.23 15.27 23.34
CA ARG B 67 17.60 13.85 23.43
C ARG B 67 18.38 13.38 22.21
N VAL B 68 18.03 13.88 21.03
CA VAL B 68 18.73 13.53 19.79
C VAL B 68 20.12 14.18 19.75
N GLU B 69 20.25 15.38 20.31
CA GLU B 69 21.56 16.01 20.45
C GLU B 69 22.46 15.24 21.41
N GLU B 70 21.88 14.73 22.48
CA GLU B 70 22.64 13.99 23.49
C GLU B 70 23.21 12.69 22.94
N PHE B 71 22.37 11.90 22.26
CA PHE B 71 22.83 10.62 21.71
C PHE B 71 23.75 10.85 20.50
N ALA B 72 23.52 11.93 19.76
CA ALA B 72 24.41 12.31 18.66
C ALA B 72 25.82 12.57 19.19
N ALA B 73 25.91 13.24 20.34
CA ALA B 73 27.19 13.52 20.98
C ALA B 73 27.85 12.24 21.50
N GLN B 74 27.05 11.34 22.05
CA GLN B 74 27.55 10.05 22.54
C GLN B 74 28.14 9.17 21.44
N LEU B 75 27.67 9.37 20.20
CA LEU B 75 28.18 8.62 19.05
C LEU B 75 29.17 9.45 18.21
N GLY B 76 29.63 10.57 18.78
CA GLY B 76 30.63 11.42 18.14
C GLY B 76 30.13 12.23 16.96
N SER B 77 28.81 12.46 16.91
CA SER B 77 28.23 13.24 15.82
C SER B 77 27.87 14.66 16.27
N ASP B 78 28.14 15.61 15.38
CA ASP B 78 27.83 17.02 15.60
C ASP B 78 26.64 17.47 14.74
N ILE B 79 26.23 16.62 13.78
CA ILE B 79 25.21 16.96 12.79
C ILE B 79 23.82 16.51 13.25
N VAL B 80 23.02 17.47 13.73
CA VAL B 80 21.69 17.21 14.28
C VAL B 80 20.73 18.26 13.73
N LEU B 81 19.72 17.82 12.98
CA LEU B 81 18.89 18.75 12.20
C LEU B 81 17.38 18.58 12.42
N GLN B 82 16.67 19.70 12.36
CA GLN B 82 15.21 19.70 12.42
C GLN B 82 14.64 19.09 11.13
N CYS B 83 13.68 18.17 11.28
CA CYS B 83 12.98 17.61 10.10
C CYS B 83 11.64 16.95 10.41
N ASP B 84 10.56 17.64 10.02
CA ASP B 84 9.23 17.05 10.02
C ASP B 84 8.91 16.67 8.57
N VAL B 85 8.71 15.39 8.33
CA VAL B 85 8.51 14.89 6.96
C VAL B 85 7.08 15.12 6.45
N ALA B 86 6.22 15.74 7.25
CA ALA B 86 4.89 16.14 6.79
C ALA B 86 4.95 17.36 5.84
N GLU B 87 6.04 18.13 5.95
CA GLU B 87 6.23 19.36 5.18
C GLU B 87 7.41 19.19 4.22
N ASP B 88 7.15 19.41 2.92
CA ASP B 88 8.20 19.36 1.90
C ASP B 88 9.31 20.37 2.18
N ALA B 89 8.94 21.57 2.62
CA ALA B 89 9.91 22.62 2.93
C ALA B 89 10.89 22.20 4.02
N SER B 90 10.39 21.54 5.05
CA SER B 90 11.21 21.09 6.17
C SER B 90 12.27 20.09 5.71
N ILE B 91 11.87 19.17 4.83
CA ILE B 91 12.79 18.17 4.28
C ILE B 91 13.88 18.84 3.43
N ASP B 92 13.47 19.73 2.53
CA ASP B 92 14.42 20.44 1.65
C ASP B 92 15.36 21.35 2.43
N THR B 93 14.85 22.02 3.46
CA THR B 93 15.68 22.83 4.36
C THR B 93 16.66 21.94 5.13
N MET B 94 16.22 20.75 5.53
CA MET B 94 17.08 19.83 6.25
C MET B 94 18.24 19.36 5.38
N PHE B 95 17.93 18.86 4.18
CA PHE B 95 18.98 18.42 3.27
C PHE B 95 19.86 19.56 2.76
N ALA B 96 19.29 20.77 2.65
CA ALA B 96 20.07 21.97 2.35
C ALA B 96 21.09 22.21 3.46
N GLU B 97 20.63 22.12 4.70
CA GLU B 97 21.49 22.34 5.87
C GLU B 97 22.54 21.23 5.98
N LEU B 98 22.16 20.00 5.67
CA LEU B 98 23.08 18.86 5.66
C LEU B 98 24.14 19.01 4.55
N GLY B 99 23.73 19.56 3.41
CA GLY B 99 24.63 19.78 2.27
C GLY B 99 25.86 20.60 2.59
N LYS B 100 25.74 21.53 3.53
CA LYS B 100 26.84 22.38 3.94
C LYS B 100 27.98 21.59 4.59
N VAL B 101 27.65 20.48 5.24
CA VAL B 101 28.64 19.62 5.92
C VAL B 101 28.91 18.36 5.10
N TRP B 102 27.84 17.70 4.66
CA TRP B 102 27.92 16.54 3.77
C TRP B 102 27.36 16.92 2.39
N PRO B 103 28.19 17.58 1.55
CA PRO B 103 27.72 17.89 0.19
C PRO B 103 27.26 16.62 -0.52
N LYS B 104 27.97 15.53 -0.28
CA LYS B 104 27.54 14.20 -0.69
C LYS B 104 27.67 13.23 0.47
N PHE B 105 26.82 12.22 0.48
CA PHE B 105 26.83 11.19 1.51
C PHE B 105 26.28 9.88 0.95
N ASP B 106 26.17 8.86 1.80
CA ASP B 106 25.91 7.50 1.34
C ASP B 106 24.59 6.90 1.82
N GLY B 107 23.52 7.69 1.74
CA GLY B 107 22.16 7.21 2.04
C GLY B 107 21.67 7.48 3.44
N PHE B 108 20.40 7.14 3.69
CA PHE B 108 19.76 7.42 4.97
C PHE B 108 18.88 6.27 5.46
N VAL B 109 18.56 6.30 6.75
CA VAL B 109 17.67 5.32 7.38
C VAL B 109 16.34 5.98 7.70
N HIS B 110 15.25 5.37 7.24
CA HIS B 110 13.90 5.92 7.38
C HIS B 110 13.11 5.14 8.43
N SER B 111 13.26 5.57 9.68
CA SER B 111 12.62 4.90 10.80
C SER B 111 11.50 5.77 11.36
N ILE B 112 10.50 6.03 10.52
CA ILE B 112 9.40 6.92 10.86
C ILE B 112 8.06 6.28 10.52
N GLY B 113 7.10 6.37 11.44
CA GLY B 113 5.72 5.97 11.15
C GLY B 113 4.77 6.57 12.18
N PHE B 114 3.53 6.82 11.75
CA PHE B 114 2.51 7.37 12.63
C PHE B 114 1.12 7.27 12.02
N ALA B 115 0.15 6.93 12.86
CA ALA B 115 -1.27 7.14 12.56
C ALA B 115 -1.92 7.71 13.81
N PRO B 116 -2.94 8.58 13.65
CA PRO B 116 -3.72 8.98 14.82
C PRO B 116 -4.09 7.78 15.70
N GLY B 117 -3.85 7.88 17.00
CA GLY B 117 -4.07 6.78 17.93
C GLY B 117 -5.42 6.09 17.78
N ASP B 118 -6.47 6.89 17.60
CA ASP B 118 -7.84 6.39 17.41
C ASP B 118 -7.93 5.32 16.33
N GLN B 119 -7.03 5.41 15.36
CA GLN B 119 -7.01 4.51 14.21
C GLN B 119 -6.59 3.07 14.53
N LEU B 120 -5.82 2.90 15.61
CA LEU B 120 -5.18 1.63 15.92
C LEU B 120 -5.90 0.86 17.04
N ASP B 121 -7.22 0.96 17.09
CA ASP B 121 -7.99 0.36 18.18
C ASP B 121 -9.32 -0.22 17.70
N GLY B 122 -9.46 -1.54 17.85
CA GLY B 122 -10.70 -2.22 17.52
C GLY B 122 -10.89 -2.47 16.03
N ASP B 123 -12.12 -2.83 15.67
CA ASP B 123 -12.48 -3.16 14.29
C ASP B 123 -11.90 -2.16 13.30
N TYR B 124 -11.24 -2.66 12.27
CA TYR B 124 -10.55 -1.82 11.28
C TYR B 124 -11.50 -0.87 10.56
N VAL B 125 -12.63 -1.41 10.10
CA VAL B 125 -13.58 -0.65 9.29
C VAL B 125 -14.22 0.48 10.08
N ASN B 126 -14.58 0.22 11.34
CA ASN B 126 -15.12 1.26 12.21
C ASN B 126 -14.07 2.30 12.58
N ALA B 127 -12.84 1.85 12.83
CA ALA B 127 -11.76 2.74 13.24
C ALA B 127 -11.31 3.69 12.12
N VAL B 128 -11.19 3.17 10.91
CA VAL B 128 -10.55 3.91 9.81
C VAL B 128 -11.38 5.11 9.36
N THR B 129 -10.69 6.20 9.02
CA THR B 129 -11.29 7.38 8.43
C THR B 129 -10.43 7.81 7.25
N ARG B 130 -10.93 8.75 6.47
CA ARG B 130 -10.21 9.25 5.31
C ARG B 130 -8.99 10.04 5.75
N GLU B 131 -9.16 10.89 6.76
CA GLU B 131 -8.06 11.69 7.30
C GLU B 131 -7.03 10.81 8.01
N GLY B 132 -7.50 9.83 8.78
CA GLY B 132 -6.61 8.88 9.44
C GLY B 132 -5.83 8.05 8.44
N PHE B 133 -6.48 7.72 7.33
CA PHE B 133 -5.85 7.04 6.22
C PHE B 133 -4.85 7.97 5.53
N LYS B 134 -5.23 9.24 5.38
CA LYS B 134 -4.39 10.23 4.70
C LYS B 134 -3.06 10.43 5.43
N ILE B 135 -3.14 10.67 6.73
CA ILE B 135 -1.95 10.90 7.55
C ILE B 135 -1.10 9.62 7.59
N ALA B 136 -1.72 8.50 7.94
CA ALA B 136 -1.02 7.21 8.00
C ALA B 136 -0.13 6.99 6.79
N HIS B 137 -0.71 7.18 5.60
CA HIS B 137 0.02 6.99 4.35
C HIS B 137 1.01 8.12 4.07
N ASP B 138 0.65 9.35 4.46
CA ASP B 138 1.53 10.51 4.25
C ASP B 138 2.83 10.36 5.02
N ILE B 139 2.71 10.05 6.31
CA ILE B 139 3.86 10.02 7.21
C ILE B 139 4.66 8.71 7.07
N SER B 140 3.97 7.58 6.91
CA SER B 140 4.64 6.27 6.98
C SER B 140 5.17 5.74 5.65
N SER B 141 4.59 6.17 4.53
CA SER B 141 5.01 5.69 3.21
C SER B 141 5.59 6.79 2.31
N TYR B 142 4.83 7.86 2.07
CA TYR B 142 5.29 8.90 1.15
C TYR B 142 6.59 9.54 1.61
N SER B 143 6.66 9.89 2.90
CA SER B 143 7.85 10.53 3.47
C SER B 143 9.15 9.89 3.00
N PHE B 144 9.16 8.56 2.86
CA PHE B 144 10.34 7.82 2.43
C PHE B 144 10.85 8.27 1.06
N VAL B 145 9.97 8.27 0.05
CA VAL B 145 10.36 8.70 -1.29
C VAL B 145 10.58 10.22 -1.37
N ALA B 146 9.79 10.97 -0.59
CA ALA B 146 9.90 12.44 -0.52
C ALA B 146 11.30 12.85 -0.08
N MET B 147 11.84 12.07 0.85
CA MET B 147 13.16 12.29 1.38
C MET B 147 14.23 11.93 0.34
N ALA B 148 14.03 10.80 -0.33
CA ALA B 148 14.91 10.37 -1.42
C ALA B 148 14.89 11.40 -2.55
N LYS B 149 13.69 11.86 -2.90
CA LYS B 149 13.49 12.92 -3.89
C LYS B 149 14.42 14.11 -3.60
N ALA B 150 14.38 14.58 -2.34
CA ALA B 150 15.10 15.78 -1.93
C ALA B 150 16.63 15.67 -1.95
N CYS B 151 17.15 14.48 -1.66
CA CYS B 151 18.60 14.29 -1.55
C CYS B 151 19.21 13.45 -2.68
N ARG B 152 18.47 13.22 -3.75
CA ARG B 152 18.92 12.35 -4.83
C ARG B 152 20.23 12.84 -5.45
N SER B 153 20.29 14.15 -5.68
CA SER B 153 21.50 14.82 -6.13
C SER B 153 22.75 14.46 -5.30
N MET B 154 22.57 14.29 -3.99
CA MET B 154 23.67 14.16 -3.04
C MET B 154 24.17 12.72 -2.81
N LEU B 155 23.48 11.74 -3.39
CA LEU B 155 23.74 10.33 -3.09
C LEU B 155 24.89 9.73 -3.89
N ASN B 156 25.94 9.33 -3.18
CA ASN B 156 27.11 8.70 -3.80
C ASN B 156 26.79 7.36 -4.46
N PRO B 157 27.49 7.03 -5.55
CA PRO B 157 27.41 5.65 -6.06
C PRO B 157 27.67 4.66 -4.93
N GLY B 158 26.88 3.61 -4.86
CA GLY B 158 26.96 2.65 -3.77
C GLY B 158 26.28 3.12 -2.50
N SER B 159 25.44 4.15 -2.60
CA SER B 159 24.58 4.59 -1.49
C SER B 159 23.47 3.59 -1.30
N ALA B 160 22.93 3.55 -0.07
CA ALA B 160 21.88 2.60 0.29
C ALA B 160 20.81 3.26 1.16
N LEU B 161 19.55 3.10 0.80
CA LEU B 161 18.43 3.62 1.58
C LEU B 161 17.71 2.48 2.28
N LEU B 162 17.29 2.71 3.52
CA LEU B 162 16.61 1.70 4.30
C LEU B 162 15.37 2.28 4.97
N THR B 163 14.34 1.45 5.10
CA THR B 163 13.15 1.79 5.90
C THR B 163 12.73 0.57 6.71
N LEU B 164 11.78 0.78 7.62
CA LEU B 164 11.33 -0.27 8.52
C LEU B 164 9.84 -0.53 8.39
N SER B 165 9.50 -1.80 8.24
CA SER B 165 8.13 -2.23 8.02
C SER B 165 7.69 -3.29 9.02
N TYR B 166 6.46 -3.78 8.86
CA TYR B 166 5.92 -4.78 9.78
C TYR B 166 5.05 -5.79 9.02
N LEU B 167 4.91 -6.99 9.59
CA LEU B 167 4.12 -8.07 8.99
C LEU B 167 2.66 -7.68 8.67
N GLY B 168 2.15 -6.68 9.38
CA GLY B 168 0.83 -6.10 9.11
C GLY B 168 0.67 -5.55 7.70
N ALA B 169 1.77 -5.32 7.00
CA ALA B 169 1.74 -5.01 5.57
C ALA B 169 1.20 -6.17 4.76
N GLU B 170 1.66 -7.38 5.09
CA GLU B 170 1.42 -8.57 4.29
C GLU B 170 0.25 -9.42 4.80
N ARG B 171 -0.11 -9.26 6.06
CA ARG B 171 -1.25 -9.96 6.64
C ARG B 171 -2.07 -9.03 7.52
N ALA B 172 -3.31 -9.43 7.83
CA ALA B 172 -4.23 -8.60 8.61
C ALA B 172 -4.07 -8.87 10.12
N ILE B 173 -3.34 -7.99 10.79
CA ILE B 173 -3.13 -8.07 12.24
C ILE B 173 -4.18 -7.23 12.96
N PRO B 174 -4.91 -7.81 13.92
CA PRO B 174 -5.88 -7.02 14.68
C PRO B 174 -5.25 -5.77 15.29
N ASN B 175 -6.01 -4.67 15.25
CA ASN B 175 -5.61 -3.39 15.83
C ASN B 175 -4.34 -2.75 15.27
N TYR B 176 -3.77 -3.32 14.21
CA TYR B 176 -2.77 -2.65 13.37
C TYR B 176 -3.48 -1.79 12.32
N ASN B 177 -4.59 -2.32 11.80
CA ASN B 177 -5.53 -1.55 10.99
C ASN B 177 -4.85 -0.83 9.82
N VAL B 178 -5.05 0.49 9.67
CA VAL B 178 -4.63 1.19 8.46
C VAL B 178 -3.10 1.29 8.34
N MET B 179 -2.40 1.20 9.47
CA MET B 179 -0.95 1.14 9.44
C MET B 179 -0.47 0.01 8.53
N GLY B 180 -1.19 -1.10 8.52
CA GLY B 180 -0.89 -2.21 7.60
C GLY B 180 -0.95 -1.79 6.14
N LEU B 181 -1.96 -0.98 5.81
CA LEU B 181 -2.10 -0.45 4.45
C LEU B 181 -0.95 0.50 4.14
N ALA B 182 -0.63 1.39 5.08
CA ALA B 182 0.49 2.30 4.92
C ALA B 182 1.80 1.54 4.71
N LYS B 183 2.01 0.50 5.50
CA LYS B 183 3.20 -0.33 5.41
C LYS B 183 3.28 -1.10 4.10
N ALA B 184 2.14 -1.58 3.63
CA ALA B 184 2.07 -2.22 2.32
C ALA B 184 2.49 -1.24 1.24
N SER B 185 1.98 -0.02 1.32
CA SER B 185 2.35 1.07 0.41
C SER B 185 3.85 1.34 0.49
N LEU B 186 4.37 1.36 1.72
CA LEU B 186 5.79 1.58 1.98
C LEU B 186 6.65 0.53 1.30
N GLU B 187 6.24 -0.74 1.42
CA GLU B 187 7.00 -1.85 0.83
C GLU B 187 6.97 -1.81 -0.70
N ALA B 188 5.87 -1.36 -1.28
CA ALA B 188 5.79 -1.15 -2.72
C ALA B 188 6.68 0.01 -3.11
N ASN B 189 6.63 1.08 -2.32
CA ASN B 189 7.50 2.23 -2.50
C ASN B 189 8.98 1.82 -2.54
N VAL B 190 9.37 0.87 -1.69
CA VAL B 190 10.73 0.33 -1.68
C VAL B 190 11.12 -0.25 -3.03
N ARG B 191 10.21 -1.00 -3.65
CA ARG B 191 10.49 -1.62 -4.94
C ARG B 191 10.61 -0.58 -6.06
N TYR B 192 9.70 0.38 -6.08
CA TYR B 192 9.72 1.43 -7.11
C TYR B 192 10.92 2.33 -6.94
N MET B 193 11.25 2.67 -5.69
CA MET B 193 12.45 3.45 -5.41
C MET B 193 13.69 2.71 -5.85
N ALA B 194 13.76 1.41 -5.54
CA ALA B 194 14.89 0.58 -5.93
C ALA B 194 15.04 0.49 -7.44
N ASN B 195 13.91 0.44 -8.16
CA ASN B 195 13.93 0.31 -9.61
C ASN B 195 14.31 1.61 -10.31
N ALA B 196 13.83 2.74 -9.77
CA ALA B 196 14.15 4.04 -10.32
C ALA B 196 15.59 4.43 -10.04
N MET B 197 16.02 4.25 -8.80
CA MET B 197 17.32 4.75 -8.34
C MET B 197 18.46 3.74 -8.52
N GLY B 198 18.13 2.53 -8.97
CA GLY B 198 19.15 1.51 -9.23
C GLY B 198 20.25 1.95 -10.18
N PRO B 199 19.90 2.37 -11.40
CA PRO B 199 20.85 2.83 -12.41
C PRO B 199 21.86 3.90 -11.98
N GLU B 200 21.55 4.66 -10.93
CA GLU B 200 22.50 5.64 -10.41
C GLU B 200 23.34 5.11 -9.25
N GLY B 201 23.31 3.80 -9.02
CA GLY B 201 24.11 3.17 -7.96
C GLY B 201 23.53 3.34 -6.58
N VAL B 202 22.21 3.50 -6.49
CA VAL B 202 21.51 3.60 -5.21
C VAL B 202 20.72 2.31 -4.97
N ARG B 203 20.75 1.82 -3.74
CA ARG B 203 19.97 0.65 -3.35
C ARG B 203 18.92 1.06 -2.32
N VAL B 204 17.78 0.39 -2.35
CA VAL B 204 16.64 0.70 -1.47
C VAL B 204 16.00 -0.58 -0.96
N ASN B 205 16.03 -0.79 0.36
CA ASN B 205 15.49 -2.01 0.96
C ASN B 205 14.70 -1.69 2.21
N ALA B 206 14.03 -2.72 2.76
CA ALA B 206 13.28 -2.60 3.99
C ALA B 206 13.55 -3.77 4.91
N ILE B 207 13.60 -3.49 6.22
CA ILE B 207 13.59 -4.53 7.24
C ILE B 207 12.19 -4.60 7.80
N SER B 208 11.54 -5.76 7.64
CA SER B 208 10.27 -6.02 8.30
C SER B 208 10.58 -6.61 9.66
N ALA B 209 10.66 -5.74 10.67
CA ALA B 209 11.07 -6.15 12.01
C ALA B 209 9.91 -6.82 12.73
N GLY B 210 10.23 -7.75 13.61
CA GLY B 210 9.24 -8.33 14.50
C GLY B 210 8.89 -7.31 15.58
N PRO B 211 7.88 -7.63 16.41
CA PRO B 211 7.49 -6.72 17.50
C PRO B 211 8.59 -6.48 18.54
N ILE B 212 8.77 -5.21 18.91
CA ILE B 212 9.68 -4.83 19.99
C ILE B 212 8.93 -3.87 20.93
N ARG B 213 9.27 -3.90 22.22
CA ARG B 213 8.56 -3.13 23.24
C ARG B 213 8.48 -1.61 22.96
N THR B 214 9.57 -1.03 22.44
CA THR B 214 9.55 0.36 21.94
C THR B 214 9.23 0.33 20.44
N LEU B 215 8.38 1.21 19.90
CA LEU B 215 7.93 2.49 20.49
C LEU B 215 7.26 2.46 21.88
N ALA B 216 7.23 3.60 22.58
CA ALA B 216 7.76 4.88 22.12
C ALA B 216 8.38 5.64 23.29
N SER B 218 3.96 1.93 19.23
CA SER B 218 3.57 0.86 20.15
C SER B 218 2.91 1.34 21.44
N GLY B 219 3.22 2.56 21.89
CA GLY B 219 2.57 3.15 23.06
C GLY B 219 1.06 3.17 22.93
N ILE B 220 0.37 2.83 24.02
CA ILE B 220 -1.11 2.82 24.08
C ILE B 220 -1.78 1.72 23.24
N LYS B 221 -1.01 0.69 22.89
CA LYS B 221 -1.48 -0.47 22.12
C LYS B 221 -1.97 -1.62 23.01
N ASP B 222 -3.08 -2.24 22.60
CA ASP B 222 -3.86 -3.11 23.46
C ASP B 222 -3.36 -4.44 24.08
N PHE B 223 -2.64 -5.30 23.37
CA PHE B 223 -2.30 -6.54 24.07
C PHE B 223 -1.41 -6.23 25.25
N ARG B 224 -0.44 -5.37 25.02
CA ARG B 224 0.63 -5.61 24.07
C ARG B 224 1.48 -6.82 24.49
N LYS B 225 1.73 -6.94 25.79
CA LYS B 225 2.57 -7.99 26.32
C LYS B 225 2.03 -9.38 26.01
N MET B 226 0.71 -9.54 26.07
CA MET B 226 0.04 -10.68 25.44
C MET B 226 0.57 -10.89 24.01
N LEU B 227 0.61 -9.82 23.22
CA LEU B 227 1.22 -9.87 21.88
C LEU B 227 2.69 -10.29 21.98
N ALA B 228 3.41 -9.68 22.92
CA ALA B 228 4.83 -9.96 23.13
C ALA B 228 5.11 -11.44 23.39
N HIS B 229 4.08 -12.21 23.77
CA HIS B 229 4.18 -13.67 23.77
C HIS B 229 4.06 -14.27 22.34
N CYS B 230 4.80 -13.68 21.40
CA CYS B 230 5.19 -14.35 20.15
C CYS B 230 6.26 -15.37 20.47
N GLU B 231 6.93 -15.16 21.61
CA GLU B 231 8.12 -15.93 22.00
C GLU B 231 7.85 -17.43 21.91
N ALA B 232 6.67 -17.84 22.36
CA ALA B 232 6.27 -19.25 22.32
C ALA B 232 6.19 -19.79 20.89
N VAL B 233 5.77 -18.93 19.95
CA VAL B 233 5.47 -19.32 18.57
C VAL B 233 6.63 -19.03 17.60
N THR B 234 7.50 -18.09 17.95
CA THR B 234 8.61 -17.70 17.08
C THR B 234 9.72 -18.77 17.11
N PRO B 235 10.14 -19.27 15.92
CA PRO B 235 11.17 -20.31 15.81
C PRO B 235 12.34 -20.15 16.80
N ILE B 236 12.97 -18.98 16.83
CA ILE B 236 14.12 -18.76 17.70
C ILE B 236 13.75 -18.60 19.19
N ARG B 237 12.47 -18.80 19.52
CA ARG B 237 11.97 -18.83 20.90
C ARG B 237 12.15 -17.50 21.65
N ARG B 238 12.14 -16.39 20.90
CA ARG B 238 12.15 -15.06 21.49
C ARG B 238 11.76 -14.02 20.46
N THR B 239 11.35 -12.84 20.94
CA THR B 239 11.08 -11.70 20.08
C THR B 239 12.40 -11.01 19.75
N VAL B 240 12.44 -10.40 18.58
CA VAL B 240 13.65 -9.81 18.04
C VAL B 240 14.00 -8.54 18.80
N THR B 241 15.29 -8.21 18.90
CA THR B 241 15.73 -7.02 19.67
C THR B 241 16.21 -5.86 18.80
N ILE B 242 16.37 -4.72 19.44
CA ILE B 242 16.87 -3.51 18.79
C ILE B 242 18.28 -3.72 18.23
N GLU B 243 19.03 -4.64 18.86
CA GLU B 243 20.37 -5.02 18.41
C GLU B 243 20.33 -5.87 17.13
N ASP B 244 19.35 -6.77 17.06
CA ASP B 244 19.18 -7.64 15.88
C ASP B 244 18.87 -6.81 14.65
N VAL B 245 17.91 -5.90 14.79
CA VAL B 245 17.53 -4.99 13.71
C VAL B 245 18.69 -4.07 13.36
N GLY B 246 19.39 -3.58 14.39
CA GLY B 246 20.54 -2.71 14.19
C GLY B 246 21.63 -3.30 13.31
N ASN B 247 22.00 -4.55 13.61
CA ASN B 247 23.01 -5.26 12.83
C ASN B 247 22.57 -5.46 11.38
N SER B 248 21.34 -5.93 11.19
CA SER B 248 20.80 -6.16 9.84
C SER B 248 20.73 -4.86 9.05
N ALA B 249 20.28 -3.79 9.69
CA ALA B 249 20.20 -2.47 9.07
C ALA B 249 21.58 -1.97 8.66
N ALA B 250 22.57 -2.20 9.53
CA ALA B 250 23.95 -1.84 9.23
C ALA B 250 24.45 -2.62 8.02
N PHE B 251 24.15 -3.92 7.98
CA PHE B 251 24.52 -4.77 6.85
C PHE B 251 23.84 -4.31 5.57
N LEU B 252 22.54 -4.04 5.64
CA LEU B 252 21.77 -3.58 4.48
C LEU B 252 22.27 -2.25 3.92
N CYS B 253 22.89 -1.43 4.76
CA CYS B 253 23.43 -0.13 4.32
C CYS B 253 24.93 -0.17 4.04
N SER B 254 25.53 -1.36 4.10
CA SER B 254 26.95 -1.54 3.81
C SER B 254 27.12 -2.09 2.40
N ASP B 255 28.37 -2.10 1.94
CA ASP B 255 28.70 -2.69 0.63
C ASP B 255 28.63 -4.21 0.65
N LEU B 256 28.58 -4.81 1.85
CA LEU B 256 28.34 -6.25 1.99
C LEU B 256 27.01 -6.69 1.39
N SER B 257 26.02 -5.80 1.38
CA SER B 257 24.71 -6.09 0.79
C SER B 257 24.59 -5.45 -0.59
N ALA B 258 25.67 -5.49 -1.38
CA ALA B 258 25.68 -4.86 -2.69
C ALA B 258 24.81 -5.60 -3.71
N GLY B 259 24.56 -6.88 -3.45
CA GLY B 259 23.69 -7.68 -4.32
C GLY B 259 22.23 -7.72 -3.91
N ILE B 260 21.85 -6.93 -2.90
CA ILE B 260 20.46 -6.90 -2.42
C ILE B 260 19.86 -5.51 -2.64
N SER B 261 18.74 -5.45 -3.37
CA SER B 261 18.05 -4.19 -3.61
C SER B 261 16.54 -4.44 -3.81
N GLY B 262 15.72 -3.53 -3.29
CA GLY B 262 14.26 -3.64 -3.38
C GLY B 262 13.66 -4.78 -2.58
N GLU B 263 14.40 -5.29 -1.61
CA GLU B 263 14.00 -6.49 -0.88
C GLU B 263 13.40 -6.15 0.49
N VAL B 264 12.38 -6.90 0.90
CA VAL B 264 11.81 -6.79 2.24
C VAL B 264 12.33 -7.95 3.09
N VAL B 265 13.40 -7.70 3.85
CA VAL B 265 14.05 -8.72 4.65
C VAL B 265 13.37 -8.83 6.00
N HIS B 266 12.74 -9.97 6.26
CA HIS B 266 12.02 -10.19 7.51
C HIS B 266 12.99 -10.49 8.64
N VAL B 267 13.08 -9.57 9.59
CA VAL B 267 13.90 -9.73 10.79
C VAL B 267 12.95 -9.89 11.98
N ASP B 268 12.36 -11.08 12.09
CA ASP B 268 11.42 -11.36 13.18
C ASP B 268 11.58 -12.78 13.77
N GLY B 269 12.76 -13.35 13.65
CA GLY B 269 13.04 -14.68 14.17
C GLY B 269 12.27 -15.80 13.49
N GLY B 270 11.86 -15.56 12.25
CA GLY B 270 11.09 -16.54 11.48
C GLY B 270 9.64 -16.67 11.88
N PHE B 271 9.09 -15.66 12.55
CA PHE B 271 7.67 -15.69 12.93
C PHE B 271 6.75 -15.72 11.71
N SER B 272 7.06 -14.92 10.70
CA SER B 272 6.25 -14.86 9.47
C SER B 272 6.15 -16.22 8.76
N ILE B 273 7.25 -16.95 8.72
CA ILE B 273 7.30 -18.23 7.96
C ILE B 273 6.72 -19.45 8.70
N ALA B 274 6.21 -19.24 9.92
CA ALA B 274 5.58 -20.32 10.70
C ALA B 274 4.08 -20.12 10.78
N ALA B 275 3.36 -21.20 11.09
CA ALA B 275 1.90 -21.16 11.21
C ALA B 275 1.38 -22.27 12.12
N MET B 276 0.47 -21.88 13.03
CA MET B 276 -0.15 -22.81 13.99
C MET B 276 0.86 -23.51 14.88
N ASN B 277 1.69 -22.75 15.57
CA ASN B 277 2.55 -23.30 16.61
C ASN B 277 1.81 -23.27 17.96
N GLU B 278 0.66 -23.95 18.00
CA GLU B 278 -0.21 -23.99 19.20
C GLU B 278 -0.58 -22.59 19.69
#